data_3AI8
#
_entry.id   3AI8
#
_cell.length_a   153.682
_cell.length_b   29.976
_cell.length_c   119.198
_cell.angle_alpha   90.000
_cell.angle_beta   126.250
_cell.angle_gamma   90.000
#
_symmetry.space_group_name_H-M   'C 1 2 1'
#
loop_
_entity.id
_entity.type
_entity.pdbx_description
1 polymer 'Cathepsin B'
2 non-polymer 5-nitroquinolin-8-ol
3 water water
#
_entity_poly.entity_id   1
_entity_poly.type   'polypeptide(L)'
_entity_poly.pdbx_seq_one_letter_code
;LKLPASFDAREQWPQCPTIKEIRDQGSCGSCWAFGAVEAISDRICIHTNAHVSVEVSAEDLLTCCGSMCGDGCNGGYPAE
AWNFWTRKGLVSGGLYESHVGCRPYSIPPCEHHVNGSRPPCTGEGDTPKCSKICEPGYSPTYKQDKHYGYNSYSVSNSEK
DIMAEIYKNGPVEGAFSVYSDFLLYKSGVYQHVTGEMMGGHAIRILGWGVENGTPYWLVANSWNTDWGDNGFFKILRGQD
HCGIESEVVAGIPRTD
;
_entity_poly.pdbx_strand_id   B,A
#
# COMPACT_ATOMS: atom_id res chain seq x y z
N LEU A 1 -31.01 -25.21 22.79
CA LEU A 1 -29.64 -25.67 22.97
C LEU A 1 -29.31 -26.79 21.98
N LYS A 2 -30.36 -27.34 21.40
CA LYS A 2 -30.25 -28.35 20.37
C LYS A 2 -31.06 -27.53 19.46
N LEU A 3 -30.45 -26.41 19.13
CA LEU A 3 -31.14 -25.49 18.29
C LEU A 3 -32.36 -24.88 18.99
N PRO A 4 -32.13 -23.74 19.64
CA PRO A 4 -33.16 -22.97 20.35
C PRO A 4 -34.09 -22.43 19.26
N ALA A 5 -35.29 -21.98 19.61
CA ALA A 5 -36.24 -21.41 18.61
C ALA A 5 -35.66 -20.18 17.87
N SER A 6 -34.77 -19.49 18.51
CA SER A 6 -34.23 -18.29 17.88
C SER A 6 -32.75 -18.14 18.23
N PHE A 7 -31.99 -17.56 17.32
CA PHE A 7 -30.56 -17.39 17.55
C PHE A 7 -30.11 -16.20 16.76
N ASP A 8 -29.33 -15.36 17.44
CA ASP A 8 -28.76 -14.15 16.83
C ASP A 8 -27.25 -14.09 17.13
N ALA A 9 -26.38 -14.21 16.13
CA ALA A 9 -24.94 -14.14 16.43
C ALA A 9 -24.48 -12.92 17.25
N ARG A 10 -25.15 -11.77 17.11
CA ARG A 10 -24.69 -10.60 17.86
C ARG A 10 -24.77 -10.83 19.37
N GLU A 11 -25.74 -11.64 19.80
CA GLU A 11 -25.97 -11.91 21.20
C GLU A 11 -25.02 -13.02 21.72
N GLN A 12 -24.64 -13.93 20.83
CA GLN A 12 -23.75 -15.01 21.19
C GLN A 12 -22.29 -14.50 21.30
N TRP A 13 -21.95 -13.53 20.44
CA TRP A 13 -20.60 -13.04 20.44
C TRP A 13 -20.65 -11.51 20.55
N PRO A 14 -21.07 -11.02 21.73
CA PRO A 14 -21.21 -9.61 22.11
C PRO A 14 -19.94 -8.77 22.02
N GLN A 15 -18.77 -9.42 22.06
CA GLN A 15 -17.48 -8.70 21.92
C GLN A 15 -17.01 -8.57 20.43
N CYS A 16 -17.87 -8.97 19.49
CA CYS A 16 -17.53 -8.92 18.06
C CYS A 16 -18.35 -7.85 17.33
N PRO A 17 -17.79 -6.64 17.27
CA PRO A 17 -18.45 -5.49 16.62
C PRO A 17 -18.85 -5.74 15.19
N THR A 18 -18.12 -6.58 14.47
CA THR A 18 -18.46 -6.68 13.07
C THR A 18 -19.81 -7.32 12.78
N ILE A 19 -20.22 -8.22 13.65
CA ILE A 19 -21.48 -8.89 13.47
C ILE A 19 -22.70 -7.95 13.43
N LYS A 20 -22.53 -6.83 14.12
CA LYS A 20 -23.56 -5.81 14.29
C LYS A 20 -23.47 -4.83 13.14
N GLU A 21 -22.44 -4.96 12.32
CA GLU A 21 -22.11 -4.01 11.25
C GLU A 21 -22.75 -4.09 9.85
N ILE A 22 -23.26 -2.97 9.31
CA ILE A 22 -23.78 -2.94 7.92
C ILE A 22 -22.80 -2.12 7.07
N ARG A 23 -22.46 -2.63 5.90
CA ARG A 23 -21.50 -1.99 5.00
C ARG A 23 -22.28 -1.56 3.75
N ASP A 24 -21.59 -0.87 2.83
CA ASP A 24 -22.17 -0.41 1.59
C ASP A 24 -21.22 -0.75 0.40
N GLN A 25 -21.71 -1.59 -0.50
CA GLN A 25 -20.89 -2.01 -1.65
C GLN A 25 -20.70 -0.89 -2.68
N GLY A 26 -21.48 0.18 -2.55
CA GLY A 26 -21.40 1.28 -3.51
C GLY A 26 -21.93 0.89 -4.88
N SER A 27 -21.59 1.63 -5.94
CA SER A 27 -22.11 1.34 -7.29
C SER A 27 -21.19 0.28 -7.85
N CYS A 28 -21.35 -0.93 -7.37
CA CYS A 28 -20.48 -2.02 -7.73
C CYS A 28 -21.19 -3.28 -7.31
N GLY A 29 -21.20 -4.29 -8.17
CA GLY A 29 -21.87 -5.55 -7.85
C GLY A 29 -20.93 -6.43 -7.09
N SER A 30 -20.56 -5.95 -5.92
CA SER A 30 -19.64 -6.63 -5.03
C SER A 30 -20.27 -7.34 -3.83
N CYS A 31 -21.59 -7.60 -3.89
CA CYS A 31 -22.31 -8.33 -2.85
C CYS A 31 -21.60 -9.65 -2.57
N TRP A 32 -21.20 -10.35 -3.65
CA TRP A 32 -20.48 -11.62 -3.49
C TRP A 32 -19.26 -11.40 -2.54
N ALA A 33 -18.50 -10.34 -2.73
CA ALA A 33 -17.37 -10.06 -1.84
C ALA A 33 -17.75 -9.57 -0.40
N PHE A 34 -18.80 -8.74 -0.25
CA PHE A 34 -19.23 -8.24 1.09
C PHE A 34 -19.78 -9.31 2.03
N GLY A 35 -20.76 -10.09 1.60
CA GLY A 35 -21.23 -11.18 2.43
C GLY A 35 -20.02 -12.04 2.85
N ALA A 36 -19.09 -12.28 1.91
CA ALA A 36 -17.89 -13.09 2.26
C ALA A 36 -17.04 -12.44 3.38
N VAL A 37 -16.52 -11.25 3.13
CA VAL A 37 -15.64 -10.57 4.11
C VAL A 37 -16.35 -10.20 5.42
N GLU A 38 -17.66 -9.98 5.32
CA GLU A 38 -18.41 -9.64 6.52
C GLU A 38 -18.39 -10.83 7.51
N ALA A 39 -18.63 -12.00 6.93
CA ALA A 39 -18.67 -13.25 7.68
C ALA A 39 -17.28 -13.63 8.10
N ILE A 40 -16.29 -13.47 7.19
CA ILE A 40 -14.93 -13.79 7.58
C ILE A 40 -14.60 -12.93 8.85
N SER A 41 -14.92 -11.64 8.80
CA SER A 41 -14.70 -10.71 9.92
C SER A 41 -15.24 -11.27 11.22
N ASP A 42 -16.54 -11.57 11.16
CA ASP A 42 -17.24 -12.18 12.26
C ASP A 42 -16.56 -13.45 12.76
N ARG A 43 -16.22 -14.36 11.85
CA ARG A 43 -15.59 -15.60 12.31
C ARG A 43 -14.23 -15.41 12.90
N ILE A 44 -13.49 -14.41 12.45
CA ILE A 44 -12.15 -14.18 13.00
C ILE A 44 -12.24 -13.84 14.46
N CYS A 45 -13.19 -12.98 14.77
CA CYS A 45 -13.43 -12.56 16.13
C CYS A 45 -14.01 -13.72 16.96
N ILE A 46 -14.92 -14.50 16.37
CA ILE A 46 -15.50 -15.64 17.07
C ILE A 46 -14.42 -16.73 17.37
N HIS A 47 -13.58 -17.00 16.36
CA HIS A 47 -12.53 -18.02 16.41
C HIS A 47 -11.47 -17.69 17.48
N THR A 48 -11.16 -16.39 17.64
CA THR A 48 -10.17 -15.93 18.60
C THR A 48 -10.71 -15.43 19.94
N ASN A 49 -11.98 -15.68 20.20
CA ASN A 49 -12.62 -15.12 21.42
C ASN A 49 -12.42 -13.61 21.60
N ALA A 50 -12.57 -12.90 20.48
CA ALA A 50 -12.40 -11.47 20.36
C ALA A 50 -10.97 -10.95 20.57
N HIS A 51 -9.97 -11.83 20.70
CA HIS A 51 -8.59 -11.41 20.86
C HIS A 51 -8.14 -10.68 19.56
N VAL A 52 -8.77 -11.01 18.44
CA VAL A 52 -8.48 -10.40 17.14
C VAL A 52 -9.82 -10.03 16.56
N SER A 53 -9.98 -8.72 16.31
CA SER A 53 -11.23 -8.19 15.85
C SER A 53 -10.87 -7.11 14.87
N VAL A 54 -11.02 -7.45 13.59
CA VAL A 54 -10.75 -6.55 12.53
C VAL A 54 -11.82 -6.60 11.47
N GLU A 55 -11.84 -5.52 10.70
CA GLU A 55 -12.68 -5.37 9.53
C GLU A 55 -11.89 -6.05 8.42
N VAL A 56 -12.37 -7.19 7.93
CA VAL A 56 -11.72 -7.77 6.74
C VAL A 56 -12.11 -6.88 5.50
N SER A 57 -11.16 -6.70 4.60
CA SER A 57 -11.28 -5.90 3.41
C SER A 57 -12.01 -6.42 2.19
N ALA A 58 -13.13 -5.78 1.93
CA ALA A 58 -13.87 -6.11 0.73
C ALA A 58 -12.95 -5.70 -0.46
N GLU A 59 -12.25 -4.57 -0.31
CA GLU A 59 -11.36 -4.11 -1.37
C GLU A 59 -10.32 -5.12 -1.88
N ASP A 60 -9.72 -5.87 -0.97
CA ASP A 60 -8.64 -6.83 -1.29
C ASP A 60 -9.20 -7.96 -2.10
N LEU A 61 -10.26 -8.53 -1.55
CA LEU A 61 -11.00 -9.61 -2.20
C LEU A 61 -11.57 -9.25 -3.57
N LEU A 62 -12.31 -8.16 -3.65
CA LEU A 62 -12.88 -7.64 -4.89
C LEU A 62 -11.75 -7.26 -5.90
N THR A 63 -10.63 -6.64 -5.49
CA THR A 63 -9.67 -6.28 -6.53
C THR A 63 -8.66 -7.37 -6.93
N CYS A 64 -8.28 -8.18 -5.94
CA CYS A 64 -7.24 -9.18 -6.11
C CYS A 64 -7.71 -10.59 -6.42
N CYS A 65 -8.92 -11.00 -6.04
CA CYS A 65 -9.24 -12.38 -6.36
C CYS A 65 -9.07 -12.68 -7.85
N GLY A 66 -9.51 -11.76 -8.67
CA GLY A 66 -9.35 -11.96 -10.13
C GLY A 66 -10.40 -12.87 -10.76
N SER A 67 -10.05 -13.52 -11.87
CA SER A 67 -11.00 -14.37 -12.58
C SER A 67 -11.59 -15.51 -11.76
N MET A 68 -10.81 -16.04 -10.81
CA MET A 68 -11.27 -17.13 -9.92
C MET A 68 -12.64 -16.78 -9.34
N CYS A 69 -12.76 -15.51 -8.97
CA CYS A 69 -13.97 -14.98 -8.37
C CYS A 69 -15.02 -14.41 -9.32
N GLY A 70 -14.70 -14.25 -10.59
CA GLY A 70 -15.65 -13.69 -11.51
C GLY A 70 -15.17 -12.42 -12.14
N ASP A 71 -16.05 -11.41 -12.11
CA ASP A 71 -15.74 -10.14 -12.72
C ASP A 71 -15.78 -8.85 -11.89
N GLY A 72 -15.16 -8.88 -10.71
CA GLY A 72 -15.07 -7.70 -9.89
C GLY A 72 -16.40 -7.04 -9.60
N CYS A 73 -16.52 -5.80 -10.03
CA CYS A 73 -17.74 -5.01 -9.83
C CYS A 73 -18.85 -5.50 -10.72
N ASN A 74 -18.49 -6.38 -11.66
CA ASN A 74 -19.55 -6.92 -12.45
C ASN A 74 -20.11 -8.22 -11.91
N GLY A 75 -20.00 -8.46 -10.61
CA GLY A 75 -20.53 -9.72 -10.09
C GLY A 75 -19.49 -10.82 -9.91
N GLY A 76 -19.78 -11.71 -8.96
CA GLY A 76 -18.83 -12.74 -8.59
C GLY A 76 -19.45 -13.89 -7.83
N TYR A 77 -18.60 -14.81 -7.37
CA TYR A 77 -19.15 -16.02 -6.78
C TYR A 77 -18.63 -16.31 -5.37
N PRO A 78 -19.57 -16.47 -4.42
CA PRO A 78 -19.23 -16.72 -3.00
C PRO A 78 -18.25 -17.88 -2.75
N ALA A 79 -18.58 -19.04 -3.30
CA ALA A 79 -17.73 -20.24 -3.14
C ALA A 79 -16.27 -19.95 -3.45
N GLU A 80 -16.04 -19.26 -4.57
CA GLU A 80 -14.68 -18.90 -4.96
C GLU A 80 -14.05 -17.83 -4.09
N ALA A 81 -14.90 -17.06 -3.42
CA ALA A 81 -14.37 -15.99 -2.53
C ALA A 81 -13.70 -16.63 -1.29
N TRP A 82 -14.43 -17.53 -0.66
CA TRP A 82 -13.89 -18.23 0.52
C TRP A 82 -12.68 -19.11 0.15
N ASN A 83 -12.75 -19.81 -0.98
CA ASN A 83 -11.63 -20.62 -1.46
C ASN A 83 -10.41 -19.66 -1.57
N PHE A 84 -10.59 -18.50 -2.18
CA PHE A 84 -9.46 -17.51 -2.32
C PHE A 84 -8.88 -17.09 -0.93
N TRP A 85 -9.74 -16.99 0.07
CA TRP A 85 -9.29 -16.65 1.42
C TRP A 85 -8.43 -17.79 2.03
N THR A 86 -8.77 -19.05 1.75
CA THR A 86 -7.96 -20.18 2.24
C THR A 86 -6.54 -20.31 1.61
N ARG A 87 -6.41 -19.83 0.40
CA ARG A 87 -5.14 -19.87 -0.36
C ARG A 87 -4.29 -18.60 -0.33
N LYS A 88 -4.93 -17.45 -0.54
CA LYS A 88 -4.19 -16.17 -0.62
C LYS A 88 -4.43 -15.23 0.60
N GLY A 89 -5.49 -15.55 1.34
CA GLY A 89 -5.82 -14.77 2.53
C GLY A 89 -6.37 -13.41 2.20
N LEU A 90 -6.75 -12.67 3.24
CA LEU A 90 -7.28 -11.30 3.06
C LEU A 90 -6.80 -10.35 4.17
N VAL A 91 -6.38 -9.18 3.73
CA VAL A 91 -5.98 -8.15 4.71
C VAL A 91 -7.20 -7.39 5.29
N SER A 92 -6.96 -6.65 6.39
CA SER A 92 -7.98 -5.81 7.03
C SER A 92 -8.25 -4.61 6.13
N GLY A 93 -9.41 -3.98 6.32
CA GLY A 93 -9.77 -2.77 5.63
C GLY A 93 -11.23 -2.41 5.95
N GLY A 94 -11.41 -1.13 6.27
CA GLY A 94 -12.74 -0.63 6.64
C GLY A 94 -13.63 -0.02 5.58
N LEU A 95 -14.47 0.91 6.04
CA LEU A 95 -15.45 1.61 5.22
C LEU A 95 -14.85 2.70 4.37
N TYR A 96 -15.66 3.30 3.50
CA TYR A 96 -15.16 4.34 2.61
C TYR A 96 -14.72 5.51 3.45
N GLU A 97 -13.48 5.94 3.26
CA GLU A 97 -12.87 7.06 3.99
C GLU A 97 -12.72 6.90 5.50
N SER A 98 -12.81 5.65 5.95
CA SER A 98 -12.63 5.29 7.38
C SER A 98 -11.16 5.33 7.86
N HIS A 99 -10.22 5.15 6.94
CA HIS A 99 -8.80 5.05 7.29
C HIS A 99 -8.58 3.91 8.28
N VAL A 100 -9.46 2.90 8.19
CA VAL A 100 -9.41 1.76 9.04
C VAL A 100 -8.77 0.61 8.33
N GLY A 101 -7.75 0.08 9.01
CA GLY A 101 -7.03 -1.09 8.52
C GLY A 101 -6.15 -0.85 7.30
N CYS A 102 -5.76 -1.96 6.71
CA CYS A 102 -4.88 -1.97 5.56
C CYS A 102 -5.42 -1.43 4.25
N ARG A 103 -6.57 -1.91 3.80
CA ARG A 103 -7.15 -1.49 2.51
C ARG A 103 -8.64 -1.20 2.59
N PRO A 104 -9.00 -0.03 3.11
CA PRO A 104 -10.39 0.47 3.26
C PRO A 104 -11.04 0.45 1.87
N TYR A 105 -12.35 0.33 1.86
CA TYR A 105 -13.11 0.30 0.63
C TYR A 105 -12.98 1.60 -0.15
N SER A 106 -12.68 1.52 -1.43
CA SER A 106 -12.57 2.75 -2.18
C SER A 106 -13.82 3.18 -2.95
N ILE A 107 -14.96 2.48 -2.82
CA ILE A 107 -16.13 2.88 -3.65
C ILE A 107 -17.05 3.66 -2.73
N PRO A 108 -17.45 4.90 -3.12
CA PRO A 108 -18.32 5.68 -2.22
C PRO A 108 -19.72 5.13 -1.92
N PRO A 109 -20.23 5.40 -0.71
CA PRO A 109 -21.57 4.91 -0.30
C PRO A 109 -22.58 5.65 -1.19
N CYS A 110 -23.73 5.04 -1.46
CA CYS A 110 -24.79 5.60 -2.28
C CYS A 110 -26.15 5.07 -1.86
N GLU A 111 -27.23 5.65 -2.37
CA GLU A 111 -28.58 5.17 -2.01
C GLU A 111 -28.96 4.00 -2.90
N HIS A 112 -29.40 2.90 -2.25
CA HIS A 112 -29.79 1.66 -2.94
C HIS A 112 -31.32 1.54 -2.87
N HIS A 113 -31.98 2.08 -3.88
CA HIS A 113 -33.46 2.09 -3.94
C HIS A 113 -34.20 2.71 -2.72
N VAL A 114 -33.58 3.71 -2.10
CA VAL A 114 -34.17 4.41 -0.97
C VAL A 114 -33.87 5.91 -1.07
N ASN A 115 -34.56 6.72 -0.28
CA ASN A 115 -34.31 8.16 -0.29
C ASN A 115 -33.24 8.46 0.76
N GLY A 116 -32.28 9.32 0.41
CA GLY A 116 -31.23 9.71 1.35
C GLY A 116 -30.51 10.90 0.74
N SER A 117 -29.36 11.31 1.30
CA SER A 117 -28.63 12.46 0.81
C SER A 117 -27.38 12.07 0.03
N ARG A 118 -27.09 10.79 0.01
CA ARG A 118 -25.97 10.37 -0.73
C ARG A 118 -26.49 10.28 -2.17
N PRO A 119 -25.61 10.39 -3.13
CA PRO A 119 -26.03 10.28 -4.54
C PRO A 119 -26.61 8.87 -4.75
N PRO A 120 -27.62 8.74 -5.65
CA PRO A 120 -28.19 7.42 -5.90
C PRO A 120 -27.13 6.48 -6.47
N CYS A 121 -27.28 5.20 -6.23
CA CYS A 121 -26.30 4.29 -6.77
C CYS A 121 -26.46 4.28 -8.28
N THR A 122 -25.35 4.49 -8.99
CA THR A 122 -25.36 4.44 -10.45
C THR A 122 -25.08 2.95 -10.74
N GLY A 123 -24.75 2.55 -11.96
CA GLY A 123 -24.57 1.09 -12.15
C GLY A 123 -23.45 0.35 -11.42
N GLU A 124 -22.86 -0.61 -12.11
CA GLU A 124 -21.68 -1.31 -11.65
C GLU A 124 -20.54 -0.53 -12.30
N GLY A 125 -19.74 0.08 -11.46
CA GLY A 125 -18.63 0.85 -11.94
C GLY A 125 -17.50 -0.05 -12.34
N ASP A 126 -16.32 0.54 -12.37
CA ASP A 126 -15.14 -0.16 -12.78
C ASP A 126 -14.60 -0.85 -11.54
N THR A 127 -13.81 -1.91 -11.73
CA THR A 127 -13.23 -2.63 -10.59
C THR A 127 -11.89 -1.98 -10.28
N PRO A 128 -11.63 -1.66 -8.98
CA PRO A 128 -10.33 -1.03 -8.72
C PRO A 128 -9.17 -2.04 -8.93
N LYS A 129 -7.96 -1.51 -9.03
CA LYS A 129 -6.74 -2.31 -9.20
C LYS A 129 -6.45 -3.07 -7.91
N CYS A 130 -5.63 -4.12 -8.01
CA CYS A 130 -5.15 -4.88 -6.88
C CYS A 130 -3.77 -4.29 -6.58
N SER A 131 -3.70 -3.61 -5.46
CA SER A 131 -2.53 -2.92 -4.98
C SER A 131 -2.36 -3.57 -3.61
N LYS A 132 -1.25 -4.29 -3.50
CA LYS A 132 -0.88 -5.03 -2.31
C LYS A 132 -0.05 -4.17 -1.38
N ILE A 133 -0.72 -3.19 -0.82
CA ILE A 133 -0.03 -2.26 0.03
C ILE A 133 -1.13 -1.76 0.95
N CYS A 134 -0.71 -1.35 2.13
CA CYS A 134 -1.60 -0.79 3.12
C CYS A 134 -1.48 0.74 3.11
N GLU A 135 -2.52 1.35 3.64
CA GLU A 135 -2.56 2.80 3.78
C GLU A 135 -1.41 3.33 4.64
N PRO A 136 -0.98 4.58 4.37
CA PRO A 136 0.12 5.12 5.17
C PRO A 136 -0.38 5.28 6.60
N GLY A 137 0.45 4.96 7.59
CA GLY A 137 -0.08 5.04 8.94
C GLY A 137 -0.67 3.71 9.39
N TYR A 138 -0.62 2.68 8.53
CA TYR A 138 -1.03 1.36 8.99
C TYR A 138 0.35 0.73 9.09
N SER A 139 0.72 0.36 10.29
CA SER A 139 2.04 -0.18 10.54
C SER A 139 2.43 -1.52 9.93
N PRO A 140 1.58 -2.55 10.04
CA PRO A 140 2.09 -3.80 9.42
C PRO A 140 2.02 -3.91 7.91
N THR A 141 2.91 -4.68 7.32
CA THR A 141 2.88 -4.83 5.88
C THR A 141 1.66 -5.63 5.47
N TYR A 142 1.25 -5.37 4.23
CA TYR A 142 0.14 -6.03 3.58
C TYR A 142 0.31 -7.57 3.77
N LYS A 143 1.53 -8.02 3.52
CA LYS A 143 1.84 -9.47 3.64
C LYS A 143 1.62 -9.92 5.07
N GLN A 144 2.17 -9.18 6.03
CA GLN A 144 1.96 -9.51 7.45
C GLN A 144 0.48 -9.33 7.85
N ASP A 145 -0.25 -8.50 7.12
CA ASP A 145 -1.63 -8.23 7.47
C ASP A 145 -2.67 -9.26 7.01
N LYS A 146 -2.24 -10.24 6.19
CA LYS A 146 -3.18 -11.25 5.67
C LYS A 146 -3.69 -12.21 6.74
N HIS A 147 -4.99 -12.51 6.63
CA HIS A 147 -5.70 -13.45 7.50
C HIS A 147 -6.18 -14.59 6.58
N TYR A 148 -5.66 -15.80 6.76
CA TYR A 148 -6.05 -16.92 5.90
C TYR A 148 -7.16 -17.76 6.49
N GLY A 149 -7.93 -18.38 5.62
CA GLY A 149 -8.92 -19.35 6.04
C GLY A 149 -8.32 -20.76 6.14
N TYR A 150 -8.58 -21.50 7.21
CA TYR A 150 -8.09 -22.89 7.32
C TYR A 150 -8.79 -23.72 6.21
N ASN A 151 -10.08 -23.46 6.01
CA ASN A 151 -10.83 -24.15 4.95
C ASN A 151 -12.06 -23.34 4.50
N SER A 152 -12.71 -23.83 3.44
CA SER A 152 -13.98 -23.30 2.94
C SER A 152 -14.87 -24.49 2.47
N TYR A 153 -16.18 -24.32 2.50
CA TYR A 153 -17.14 -25.37 2.16
C TYR A 153 -18.56 -24.82 1.81
N SER A 154 -19.32 -25.60 1.06
CA SER A 154 -20.69 -25.25 0.77
C SER A 154 -21.50 -26.11 1.74
N VAL A 155 -22.40 -25.47 2.45
CA VAL A 155 -23.23 -26.14 3.44
C VAL A 155 -24.44 -26.61 2.64
N SER A 156 -24.89 -27.83 2.91
CA SER A 156 -26.04 -28.37 2.20
C SER A 156 -27.33 -27.56 2.29
N ASN A 157 -28.22 -27.90 1.38
CA ASN A 157 -29.49 -27.29 1.26
C ASN A 157 -30.35 -27.90 2.36
N SER A 158 -30.02 -27.54 3.57
CA SER A 158 -30.71 -28.11 4.72
C SER A 158 -30.76 -27.08 5.81
N GLU A 159 -31.97 -26.80 6.23
CA GLU A 159 -32.22 -25.81 7.26
C GLU A 159 -31.49 -26.12 8.53
N LYS A 160 -31.61 -27.38 8.99
CA LYS A 160 -30.96 -27.83 10.22
C LYS A 160 -29.48 -27.63 10.12
N ASP A 161 -28.94 -27.96 8.94
CA ASP A 161 -27.51 -27.89 8.73
C ASP A 161 -27.06 -26.47 8.77
N ILE A 162 -27.89 -25.58 8.25
CA ILE A 162 -27.53 -24.18 8.20
C ILE A 162 -27.55 -23.59 9.59
N MET A 163 -28.60 -23.92 10.35
CA MET A 163 -28.69 -23.44 11.74
C MET A 163 -27.49 -23.98 12.56
N ALA A 164 -27.19 -25.27 12.45
CA ALA A 164 -26.09 -25.87 13.24
C ALA A 164 -24.73 -25.22 12.93
N GLU A 165 -24.55 -24.83 11.67
CA GLU A 165 -23.31 -24.21 11.21
C GLU A 165 -23.15 -22.80 11.76
N ILE A 166 -24.25 -22.05 11.82
CA ILE A 166 -24.22 -20.68 12.32
C ILE A 166 -24.01 -20.74 13.85
N TYR A 167 -24.78 -21.64 14.46
CA TYR A 167 -24.73 -21.89 15.91
C TYR A 167 -23.31 -22.21 16.41
N LYS A 168 -22.61 -23.06 15.67
CA LYS A 168 -21.32 -23.46 16.15
C LYS A 168 -20.12 -22.59 15.69
N ASN A 169 -20.22 -22.10 14.46
CA ASN A 169 -19.08 -21.47 13.80
C ASN A 169 -19.25 -20.01 13.44
N GLY A 170 -20.47 -19.49 13.60
CA GLY A 170 -20.73 -18.10 13.28
C GLY A 170 -21.46 -17.79 11.98
N PRO A 171 -21.60 -16.49 11.65
CA PRO A 171 -22.32 -16.08 10.41
C PRO A 171 -21.76 -16.69 9.11
N VAL A 172 -22.63 -16.83 8.10
CA VAL A 172 -22.27 -17.48 6.83
C VAL A 172 -22.61 -16.55 5.69
N GLU A 173 -22.10 -16.88 4.51
CA GLU A 173 -22.46 -16.12 3.34
C GLU A 173 -23.48 -17.01 2.64
N GLY A 174 -24.53 -16.37 2.15
CA GLY A 174 -25.55 -17.08 1.41
C GLY A 174 -25.93 -16.22 0.20
N ALA A 175 -26.92 -16.66 -0.59
CA ALA A 175 -27.35 -15.95 -1.79
C ALA A 175 -28.77 -16.41 -2.17
N PHE A 176 -29.51 -15.53 -2.82
CA PHE A 176 -30.90 -15.80 -3.21
C PHE A 176 -31.32 -15.01 -4.48
N SER A 177 -32.46 -15.45 -5.04
CA SER A 177 -33.05 -14.82 -6.19
C SER A 177 -33.85 -13.69 -5.70
N VAL A 178 -33.46 -12.54 -6.22
CA VAL A 178 -34.07 -11.28 -5.93
C VAL A 178 -35.23 -11.04 -6.90
N TYR A 179 -36.42 -10.76 -6.36
CA TYR A 179 -37.60 -10.47 -7.17
C TYR A 179 -37.82 -8.97 -6.88
N SER A 180 -38.60 -8.30 -7.69
CA SER A 180 -38.78 -6.88 -7.47
C SER A 180 -39.30 -6.41 -6.11
N ASP A 181 -40.13 -7.20 -5.45
CA ASP A 181 -40.63 -6.82 -4.16
C ASP A 181 -39.58 -6.76 -3.04
N PHE A 182 -38.44 -7.42 -3.23
CA PHE A 182 -37.36 -7.36 -2.23
C PHE A 182 -36.74 -5.97 -2.21
N LEU A 183 -36.78 -5.25 -3.33
CA LEU A 183 -36.14 -3.92 -3.34
C LEU A 183 -36.84 -2.99 -2.42
N LEU A 184 -38.16 -3.21 -2.36
CA LEU A 184 -39.12 -2.44 -1.56
C LEU A 184 -39.23 -2.84 -0.07
N TYR A 185 -38.48 -3.83 0.37
CA TYR A 185 -38.53 -4.27 1.77
C TYR A 185 -38.27 -3.15 2.77
N LYS A 186 -39.09 -3.14 3.82
CA LYS A 186 -38.96 -2.16 4.89
C LYS A 186 -38.75 -2.78 6.26
N SER A 187 -39.59 -3.77 6.62
CA SER A 187 -39.51 -4.48 7.90
C SER A 187 -40.28 -5.82 7.92
N GLY A 188 -40.18 -6.55 9.01
CA GLY A 188 -40.91 -7.81 9.10
C GLY A 188 -40.24 -8.95 8.35
N VAL A 189 -41.00 -10.01 8.08
CA VAL A 189 -40.38 -11.13 7.38
C VAL A 189 -40.65 -11.02 5.88
N TYR A 190 -39.59 -10.98 5.08
CA TYR A 190 -39.76 -10.89 3.64
C TYR A 190 -40.15 -12.23 3.05
N GLN A 191 -41.22 -12.19 2.27
CA GLN A 191 -41.72 -13.36 1.50
C GLN A 191 -42.12 -12.87 0.11
N HIS A 192 -41.58 -13.53 -0.92
CA HIS A 192 -41.89 -13.08 -2.28
C HIS A 192 -43.36 -13.19 -2.68
N VAL A 193 -43.96 -12.06 -3.04
CA VAL A 193 -45.38 -12.06 -3.44
C VAL A 193 -45.69 -11.58 -4.85
N THR A 194 -45.00 -10.55 -5.30
CA THR A 194 -45.21 -10.00 -6.62
C THR A 194 -43.86 -9.63 -7.14
N GLY A 195 -43.78 -9.48 -8.43
CA GLY A 195 -42.52 -9.06 -9.04
C GLY A 195 -41.84 -10.12 -9.88
N GLU A 196 -40.89 -9.70 -10.73
CA GLU A 196 -40.16 -10.62 -11.59
C GLU A 196 -38.75 -10.82 -11.04
N MET A 197 -38.08 -11.84 -11.54
CA MET A 197 -36.76 -12.20 -11.08
C MET A 197 -35.68 -11.28 -11.66
N MET A 198 -34.87 -10.76 -10.77
CA MET A 198 -33.80 -9.84 -11.14
C MET A 198 -32.41 -10.46 -10.96
N GLY A 199 -32.25 -11.75 -11.16
CA GLY A 199 -30.94 -12.35 -10.93
C GLY A 199 -30.74 -12.58 -9.43
N GLY A 200 -29.54 -12.98 -9.02
CA GLY A 200 -29.26 -13.27 -7.62
C GLY A 200 -28.40 -12.27 -6.83
N HIS A 201 -28.53 -12.30 -5.53
CA HIS A 201 -27.79 -11.39 -4.65
C HIS A 201 -27.17 -12.14 -3.49
N ALA A 202 -25.93 -11.80 -3.15
CA ALA A 202 -25.19 -12.44 -2.10
C ALA A 202 -25.29 -11.64 -0.81
N ILE A 203 -25.41 -12.37 0.31
CA ILE A 203 -25.57 -11.78 1.64
C ILE A 203 -24.95 -12.55 2.83
N ARG A 204 -25.05 -11.94 4.01
CA ARG A 204 -24.56 -12.56 5.26
C ARG A 204 -25.70 -13.00 6.15
N ILE A 205 -25.74 -14.29 6.50
CA ILE A 205 -26.80 -14.75 7.39
C ILE A 205 -26.21 -14.89 8.77
N LEU A 206 -26.82 -14.22 9.75
CA LEU A 206 -26.33 -14.23 11.12
C LEU A 206 -27.30 -14.68 12.21
N GLY A 207 -28.44 -15.27 11.84
CA GLY A 207 -29.35 -15.75 12.82
C GLY A 207 -30.63 -16.30 12.24
N TRP A 208 -31.55 -16.60 13.13
CA TRP A 208 -32.87 -17.09 12.78
C TRP A 208 -33.78 -16.84 13.95
N GLY A 209 -35.05 -16.82 13.64
CA GLY A 209 -36.01 -16.60 14.71
C GLY A 209 -37.35 -16.98 14.14
N VAL A 210 -38.37 -16.60 14.88
CA VAL A 210 -39.76 -16.87 14.55
C VAL A 210 -40.61 -15.59 14.76
N GLU A 211 -41.24 -15.08 13.71
CA GLU A 211 -42.13 -13.91 13.82
C GLU A 211 -43.59 -14.35 13.66
N ASN A 212 -44.35 -14.32 14.76
CA ASN A 212 -45.73 -14.80 14.78
C ASN A 212 -45.89 -16.14 14.06
N GLY A 213 -45.14 -17.13 14.51
CA GLY A 213 -45.20 -18.46 13.90
C GLY A 213 -44.48 -18.62 12.57
N THR A 214 -43.99 -17.50 12.02
CA THR A 214 -43.26 -17.55 10.75
C THR A 214 -41.76 -17.60 10.98
N PRO A 215 -41.14 -18.74 10.66
CA PRO A 215 -39.67 -18.88 10.83
C PRO A 215 -38.95 -18.04 9.82
N TYR A 216 -37.85 -17.46 10.25
CA TYR A 216 -37.11 -16.61 9.36
C TYR A 216 -35.63 -16.66 9.63
N TRP A 217 -34.83 -16.13 8.69
CA TRP A 217 -33.38 -16.00 8.84
C TRP A 217 -33.12 -14.51 9.00
N LEU A 218 -32.12 -14.22 9.82
CA LEU A 218 -31.68 -12.88 10.10
C LEU A 218 -30.48 -12.63 9.15
N VAL A 219 -30.62 -11.61 8.28
CA VAL A 219 -29.65 -11.36 7.21
C VAL A 219 -29.13 -9.95 7.16
N ALA A 220 -27.88 -9.80 6.76
CA ALA A 220 -27.35 -8.46 6.58
C ALA A 220 -27.17 -8.23 5.10
N ASN A 221 -27.74 -7.11 4.63
CA ASN A 221 -27.53 -6.72 3.28
C ASN A 221 -26.27 -5.78 3.29
N SER A 222 -25.77 -5.46 2.07
CA SER A 222 -24.61 -4.57 1.88
C SER A 222 -25.10 -3.28 1.20
N TRP A 223 -26.29 -2.84 1.52
CA TRP A 223 -26.77 -1.63 0.89
C TRP A 223 -26.88 -0.43 1.81
N ASN A 224 -25.99 -0.35 2.82
CA ASN A 224 -25.99 0.75 3.79
C ASN A 224 -27.16 0.57 4.80
N THR A 225 -27.12 1.33 5.88
CA THR A 225 -28.12 1.24 6.93
C THR A 225 -29.47 1.88 6.63
N ASP A 226 -29.54 2.75 5.63
CA ASP A 226 -30.83 3.40 5.35
C ASP A 226 -31.79 2.57 4.45
N TRP A 227 -31.30 1.42 3.98
CA TRP A 227 -32.07 0.45 3.21
C TRP A 227 -32.69 -0.63 4.14
N GLY A 228 -33.87 -1.13 3.79
CA GLY A 228 -34.53 -2.16 4.59
C GLY A 228 -34.67 -1.87 6.10
N ASP A 229 -34.43 -2.89 6.94
CA ASP A 229 -34.51 -2.74 8.41
C ASP A 229 -33.13 -2.41 9.03
N ASN A 230 -32.79 -1.14 8.99
CA ASN A 230 -31.49 -0.65 9.41
C ASN A 230 -30.39 -1.48 8.71
N GLY A 231 -30.62 -1.80 7.42
CA GLY A 231 -29.68 -2.57 6.62
C GLY A 231 -29.74 -4.10 6.63
N PHE A 232 -30.50 -4.64 7.56
CA PHE A 232 -30.74 -6.04 7.74
C PHE A 232 -32.12 -6.29 7.22
N PHE A 233 -32.44 -7.55 7.03
CA PHE A 233 -33.78 -7.96 6.70
C PHE A 233 -34.03 -9.33 7.26
N LYS A 234 -35.29 -9.71 7.24
CA LYS A 234 -35.68 -11.07 7.60
C LYS A 234 -36.29 -11.75 6.39
N ILE A 235 -36.08 -13.07 6.25
CA ILE A 235 -36.65 -13.83 5.11
C ILE A 235 -37.08 -15.25 5.54
N LEU A 236 -38.21 -15.73 5.02
CA LEU A 236 -38.76 -17.06 5.31
C LEU A 236 -37.68 -18.13 5.25
N ARG A 237 -37.59 -18.91 6.33
CA ARG A 237 -36.61 -19.97 6.50
C ARG A 237 -37.35 -21.32 6.48
N GLY A 238 -36.75 -22.37 5.89
CA GLY A 238 -37.36 -23.69 5.94
C GLY A 238 -38.04 -24.07 4.65
N GLN A 239 -38.09 -23.14 3.70
CA GLN A 239 -38.81 -23.43 2.46
C GLN A 239 -37.87 -23.27 1.24
N ASP A 240 -36.58 -23.06 1.52
CA ASP A 240 -35.60 -22.75 0.45
C ASP A 240 -36.15 -21.63 -0.45
N HIS A 241 -36.77 -20.68 0.21
CA HIS A 241 -37.42 -19.54 -0.41
C HIS A 241 -36.45 -18.66 -1.20
N CYS A 242 -36.73 -18.48 -2.51
CA CYS A 242 -35.89 -17.68 -3.41
C CYS A 242 -34.50 -18.29 -3.34
N GLY A 243 -34.43 -19.58 -3.05
CA GLY A 243 -33.13 -20.21 -2.88
C GLY A 243 -32.30 -19.73 -1.69
N ILE A 244 -32.91 -19.12 -0.67
CA ILE A 244 -32.12 -18.66 0.49
C ILE A 244 -31.21 -19.76 1.17
N GLU A 245 -31.58 -21.04 1.03
CA GLU A 245 -30.87 -22.18 1.65
C GLU A 245 -30.07 -23.05 0.64
N SER A 246 -29.93 -22.58 -0.61
CA SER A 246 -29.21 -23.34 -1.62
C SER A 246 -27.77 -22.91 -1.89
N GLU A 247 -27.40 -21.70 -1.51
CA GLU A 247 -26.06 -21.23 -1.84
C GLU A 247 -25.25 -20.81 -0.62
N VAL A 248 -25.45 -21.53 0.46
CA VAL A 248 -24.74 -21.18 1.69
C VAL A 248 -23.29 -21.63 1.72
N VAL A 249 -22.39 -20.66 1.98
CA VAL A 249 -20.97 -20.95 2.10
C VAL A 249 -20.37 -20.35 3.36
N ALA A 250 -19.33 -21.03 3.86
CA ALA A 250 -18.60 -20.55 5.02
C ALA A 250 -17.20 -21.22 5.08
N GLY A 251 -16.52 -21.09 6.22
CA GLY A 251 -15.21 -21.68 6.41
C GLY A 251 -14.63 -21.29 7.78
N ILE A 252 -13.54 -21.94 8.20
CA ILE A 252 -12.95 -21.67 9.50
C ILE A 252 -11.65 -20.88 9.36
N PRO A 253 -11.46 -19.84 10.16
CA PRO A 253 -10.23 -19.04 10.09
C PRO A 253 -9.06 -19.97 10.47
N ARG A 254 -7.92 -19.70 9.86
CA ARG A 254 -6.69 -20.36 10.05
C ARG A 254 -6.04 -19.65 11.19
N THR A 255 -5.69 -20.43 12.22
CA THR A 255 -5.01 -19.94 13.38
C THR A 255 -3.52 -20.05 13.20
N ASP A 256 -2.87 -18.92 13.41
CA ASP A 256 -1.41 -18.82 13.44
C ASP A 256 -0.87 -17.40 13.35
N LEU B 1 -1.35 14.46 -14.74
CA LEU B 1 -2.78 14.22 -14.53
C LEU B 1 -3.03 12.77 -14.10
N LYS B 2 -3.00 11.84 -15.06
CA LYS B 2 -3.21 10.42 -14.78
C LYS B 2 -1.95 9.58 -14.98
N LEU B 3 -1.30 9.31 -13.86
CA LEU B 3 -0.03 8.57 -13.75
C LEU B 3 0.04 7.09 -14.15
N PRO B 4 1.16 6.68 -14.74
CA PRO B 4 1.29 5.28 -15.16
C PRO B 4 1.73 4.36 -14.00
N ALA B 5 1.31 3.11 -14.07
CA ALA B 5 1.65 2.07 -13.08
C ALA B 5 3.15 2.02 -12.78
N SER B 6 3.96 2.13 -13.80
CA SER B 6 5.40 2.11 -13.53
C SER B 6 6.13 3.22 -14.25
N PHE B 7 7.26 3.66 -13.70
CA PHE B 7 8.08 4.70 -14.33
C PHE B 7 9.53 4.60 -13.86
N ASP B 8 10.47 4.65 -14.77
CA ASP B 8 11.91 4.57 -14.43
C ASP B 8 12.55 5.80 -15.09
N ALA B 9 13.14 6.63 -14.27
CA ALA B 9 13.72 7.84 -14.75
C ALA B 9 14.84 7.52 -15.77
N ARG B 10 15.48 6.37 -15.62
CA ARG B 10 16.55 6.00 -16.56
C ARG B 10 16.05 5.84 -18.00
N GLU B 11 14.82 5.41 -18.14
CA GLU B 11 14.26 5.23 -19.44
C GLU B 11 13.68 6.55 -20.01
N GLN B 12 13.14 7.41 -19.15
CA GLN B 12 12.51 8.65 -19.58
C GLN B 12 13.61 9.63 -20.04
N TRP B 13 14.78 9.47 -19.46
CA TRP B 13 15.90 10.36 -19.80
C TRP B 13 17.12 9.49 -20.03
N PRO B 14 17.07 8.72 -21.15
CA PRO B 14 18.14 7.79 -21.59
C PRO B 14 19.47 8.44 -21.91
N GLN B 15 19.49 9.74 -22.19
CA GLN B 15 20.74 10.47 -22.44
C GLN B 15 21.41 11.00 -21.18
N CYS B 16 20.86 10.72 -20.01
CA CYS B 16 21.44 11.17 -18.76
C CYS B 16 22.04 9.98 -18.06
N PRO B 17 23.38 9.87 -18.11
CA PRO B 17 24.04 8.72 -17.48
C PRO B 17 24.13 8.70 -15.97
N THR B 18 24.03 9.85 -15.33
CA THR B 18 24.10 9.86 -13.88
C THR B 18 22.93 9.11 -13.23
N ILE B 19 21.75 9.14 -13.85
CA ILE B 19 20.58 8.45 -13.34
C ILE B 19 20.82 6.91 -13.19
N LYS B 20 21.66 6.39 -14.05
CA LYS B 20 21.99 4.94 -14.05
C LYS B 20 23.16 4.60 -13.13
N GLU B 21 23.74 5.62 -12.50
CA GLU B 21 24.93 5.44 -11.67
C GLU B 21 24.74 5.22 -10.17
N ILE B 22 25.57 4.33 -9.63
CA ILE B 22 25.61 3.99 -8.19
C ILE B 22 26.95 4.46 -7.67
N ARG B 23 26.93 5.24 -6.61
CA ARG B 23 28.16 5.76 -6.00
C ARG B 23 28.49 5.01 -4.68
N ASP B 24 29.61 5.37 -4.08
CA ASP B 24 30.01 4.75 -2.81
C ASP B 24 30.42 5.86 -1.85
N GLN B 25 29.69 6.00 -0.75
CA GLN B 25 29.99 7.07 0.19
C GLN B 25 31.24 6.78 1.02
N GLY B 26 31.79 5.58 0.89
CA GLY B 26 32.97 5.25 1.65
C GLY B 26 32.68 5.07 3.14
N SER B 27 33.71 5.14 3.98
CA SER B 27 33.55 4.99 5.44
C SER B 27 33.25 6.38 5.91
N CYS B 28 32.04 6.83 5.66
CA CYS B 28 31.67 8.21 5.96
C CYS B 28 30.16 8.21 5.91
N GLY B 29 29.53 8.82 6.92
CA GLY B 29 28.08 8.93 6.97
C GLY B 29 27.72 10.09 6.04
N SER B 30 28.00 9.95 4.74
CA SER B 30 27.66 11.05 3.85
C SER B 30 26.47 10.76 2.96
N CYS B 31 25.68 9.76 3.37
CA CYS B 31 24.47 9.41 2.63
C CYS B 31 23.66 10.66 2.30
N TRP B 32 23.51 11.58 3.26
CA TRP B 32 22.76 12.84 3.02
C TRP B 32 23.27 13.63 1.86
N ALA B 33 24.59 13.73 1.75
CA ALA B 33 25.16 14.44 0.65
C ALA B 33 25.08 13.67 -0.70
N PHE B 34 25.31 12.37 -0.65
CA PHE B 34 25.24 11.55 -1.83
C PHE B 34 23.87 11.50 -2.49
N GLY B 35 22.82 11.34 -1.71
CA GLY B 35 21.49 11.26 -2.28
C GLY B 35 21.16 12.60 -2.91
N ALA B 36 21.64 13.70 -2.34
CA ALA B 36 21.42 15.04 -2.93
C ALA B 36 22.18 15.24 -4.25
N VAL B 37 23.49 15.07 -4.23
CA VAL B 37 24.28 15.30 -5.43
C VAL B 37 23.89 14.37 -6.58
N GLU B 38 23.52 13.14 -6.25
CA GLU B 38 23.10 12.19 -7.26
C GLU B 38 21.83 12.73 -7.99
N ALA B 39 20.93 13.18 -7.16
CA ALA B 39 19.68 13.68 -7.65
C ALA B 39 19.89 15.04 -8.29
N ILE B 40 20.81 15.84 -7.74
CA ILE B 40 21.06 17.13 -8.39
C ILE B 40 21.65 16.87 -9.81
N SER B 41 22.56 15.92 -9.93
CA SER B 41 23.16 15.50 -11.21
C SER B 41 22.11 15.13 -12.26
N ASP B 42 21.22 14.20 -11.92
CA ASP B 42 20.15 13.78 -12.79
C ASP B 42 19.36 15.00 -13.27
N ARG B 43 18.95 15.83 -12.30
CA ARG B 43 18.17 17.03 -12.62
C ARG B 43 18.85 18.02 -13.52
N ILE B 44 20.14 18.25 -13.37
CA ILE B 44 20.84 19.18 -14.27
C ILE B 44 20.75 18.68 -15.71
N CYS B 45 20.91 17.35 -15.88
CA CYS B 45 20.84 16.74 -17.21
C CYS B 45 19.41 16.75 -17.75
N ILE B 46 18.46 16.34 -16.90
CA ILE B 46 17.07 16.38 -17.35
C ILE B 46 16.63 17.82 -17.74
N HIS B 47 17.02 18.79 -16.91
CA HIS B 47 16.67 20.19 -17.10
C HIS B 47 17.22 20.79 -18.38
N THR B 48 18.44 20.36 -18.75
CA THR B 48 19.08 20.85 -19.92
C THR B 48 18.91 19.99 -21.14
N ASN B 49 17.95 19.08 -21.10
CA ASN B 49 17.83 18.13 -22.21
C ASN B 49 19.13 17.37 -22.59
N ALA B 50 19.93 17.06 -21.59
CA ALA B 50 21.19 16.32 -21.72
C ALA B 50 22.32 17.20 -22.37
N HIS B 51 22.02 18.51 -22.60
CA HIS B 51 22.98 19.48 -23.10
C HIS B 51 24.06 19.73 -22.05
N VAL B 52 23.70 19.58 -20.77
CA VAL B 52 24.71 19.65 -19.69
C VAL B 52 24.60 18.39 -18.86
N SER B 53 25.63 17.55 -18.85
CA SER B 53 25.53 16.31 -18.10
C SER B 53 26.79 16.15 -17.32
N VAL B 54 26.62 16.27 -16.02
CA VAL B 54 27.72 16.23 -15.08
C VAL B 54 27.45 15.41 -13.86
N GLU B 55 28.55 15.08 -13.22
CA GLU B 55 28.66 14.40 -11.94
C GLU B 55 28.75 15.53 -10.90
N VAL B 56 27.68 15.86 -10.18
CA VAL B 56 27.82 16.89 -9.12
C VAL B 56 28.66 16.29 -7.97
N SER B 57 29.59 17.08 -7.44
CA SER B 57 30.55 16.65 -6.43
C SER B 57 30.03 16.41 -5.04
N ALA B 58 30.11 15.18 -4.62
CA ALA B 58 29.70 14.87 -3.24
C ALA B 58 30.68 15.55 -2.29
N GLU B 59 31.95 15.57 -2.70
CA GLU B 59 33.02 16.16 -1.90
C GLU B 59 32.79 17.61 -1.54
N ASP B 60 32.24 18.36 -2.51
CA ASP B 60 32.07 19.83 -2.42
C ASP B 60 30.97 20.13 -1.38
N LEU B 61 29.86 19.43 -1.52
CA LEU B 61 28.73 19.52 -0.61
C LEU B 61 29.13 19.03 0.80
N LEU B 62 29.84 17.92 0.85
CA LEU B 62 30.25 17.35 2.15
C LEU B 62 31.26 18.21 2.92
N THR B 63 32.25 18.75 2.22
CA THR B 63 33.29 19.50 2.94
C THR B 63 33.09 20.97 3.13
N CYS B 64 32.31 21.55 2.24
CA CYS B 64 32.06 22.96 2.27
C CYS B 64 30.76 23.45 2.88
N CYS B 65 29.70 22.64 2.90
CA CYS B 65 28.48 23.16 3.48
C CYS B 65 28.69 23.52 4.99
N GLY B 66 29.32 22.66 5.80
CA GLY B 66 29.49 23.07 7.18
C GLY B 66 28.30 22.83 8.10
N SER B 67 28.17 23.66 9.15
CA SER B 67 27.12 23.48 10.14
C SER B 67 25.69 23.51 9.60
N MET B 68 25.48 24.30 8.57
CA MET B 68 24.14 24.31 7.93
C MET B 68 23.68 22.87 7.60
N CYS B 69 24.58 22.09 7.03
CA CYS B 69 24.26 20.72 6.63
C CYS B 69 24.37 19.66 7.71
N GLY B 70 25.05 19.97 8.79
CA GLY B 70 25.18 19.01 9.88
C GLY B 70 26.62 18.77 10.23
N ASP B 71 26.99 17.49 10.38
CA ASP B 71 28.36 17.19 10.75
C ASP B 71 29.26 16.38 9.78
N GLY B 72 29.16 16.65 8.49
CA GLY B 72 30.02 15.96 7.51
C GLY B 72 29.88 14.47 7.48
N CYS B 73 31.00 13.80 7.69
CA CYS B 73 31.04 12.37 7.70
C CYS B 73 30.29 11.81 8.89
N ASN B 74 29.90 12.67 9.82
CA ASN B 74 29.14 12.18 10.94
C ASN B 74 27.63 12.36 10.77
N GLY B 75 27.09 12.49 9.54
CA GLY B 75 25.66 12.71 9.36
C GLY B 75 25.25 14.16 8.99
N GLY B 76 24.13 14.30 8.29
CA GLY B 76 23.68 15.56 7.78
C GLY B 76 22.22 15.52 7.36
N TYR B 77 21.82 16.70 6.89
CA TYR B 77 20.40 16.90 6.59
C TYR B 77 20.14 17.24 5.14
N PRO B 78 19.26 16.45 4.52
CA PRO B 78 18.93 16.64 3.08
C PRO B 78 18.30 17.96 2.75
N ALA B 79 17.34 18.42 3.55
CA ALA B 79 16.70 19.68 3.23
C ALA B 79 17.75 20.84 3.20
N GLU B 80 18.74 20.81 4.09
CA GLU B 80 19.74 21.88 4.13
C GLU B 80 20.73 21.73 3.00
N ALA B 81 21.04 20.50 2.59
CA ALA B 81 21.93 20.26 1.43
C ALA B 81 21.30 20.90 0.15
N TRP B 82 20.03 20.59 -0.10
CA TRP B 82 19.37 21.18 -1.25
C TRP B 82 19.34 22.74 -1.12
N ASN B 83 19.12 23.23 0.07
CA ASN B 83 19.15 24.67 0.32
C ASN B 83 20.52 25.28 -0.02
N PHE B 84 21.61 24.67 0.40
CA PHE B 84 22.97 25.14 0.13
C PHE B 84 23.25 25.28 -1.36
N TRP B 85 22.68 24.38 -2.14
CA TRP B 85 22.86 24.35 -3.57
C TRP B 85 22.27 25.56 -4.19
N THR B 86 21.14 26.02 -3.69
CA THR B 86 20.46 27.21 -4.15
C THR B 86 21.18 28.51 -3.79
N ARG B 87 22.09 28.47 -2.83
CA ARG B 87 22.81 29.63 -2.36
C ARG B 87 24.28 29.67 -2.71
N LYS B 88 25.02 28.60 -2.47
CA LYS B 88 26.45 28.59 -2.78
C LYS B 88 26.79 27.75 -3.99
N GLY B 89 25.86 26.89 -4.38
CA GLY B 89 26.05 26.00 -5.50
C GLY B 89 27.03 24.88 -5.26
N LEU B 90 27.10 23.96 -6.22
CA LEU B 90 28.00 22.82 -6.12
C LEU B 90 28.75 22.62 -7.41
N VAL B 91 30.05 22.36 -7.34
CA VAL B 91 30.83 22.08 -8.52
C VAL B 91 30.74 20.61 -8.90
N SER B 92 31.33 20.28 -10.03
CA SER B 92 31.32 18.92 -10.53
C SER B 92 32.43 18.15 -9.83
N GLY B 93 32.29 16.83 -9.85
CA GLY B 93 33.30 15.96 -9.25
C GLY B 93 32.80 14.51 -9.25
N GLY B 94 33.64 13.62 -9.82
CA GLY B 94 33.32 12.18 -9.93
C GLY B 94 33.72 11.25 -8.77
N LEU B 95 33.81 9.93 -9.07
CA LEU B 95 34.18 8.90 -8.08
C LEU B 95 35.62 8.93 -7.60
N TYR B 96 35.93 8.07 -6.62
CA TYR B 96 37.28 8.05 -6.08
C TYR B 96 38.30 7.70 -7.15
N GLU B 97 39.26 8.60 -7.32
CA GLU B 97 40.37 8.35 -8.22
C GLU B 97 39.91 8.34 -9.67
N SER B 98 38.72 8.88 -9.90
CA SER B 98 38.17 8.98 -11.26
C SER B 98 38.84 10.12 -12.07
N HIS B 99 39.31 11.15 -11.37
CA HIS B 99 39.88 12.32 -12.04
C HIS B 99 38.83 12.98 -12.93
N VAL B 100 37.52 12.76 -12.62
CA VAL B 100 36.42 13.37 -13.33
C VAL B 100 36.01 14.67 -12.59
N GLY B 101 35.93 15.74 -13.37
CA GLY B 101 35.44 17.00 -12.85
C GLY B 101 36.34 17.74 -11.90
N CYS B 102 35.82 18.82 -11.37
CA CYS B 102 36.49 19.70 -10.43
C CYS B 102 36.99 19.06 -9.12
N ARG B 103 36.10 18.50 -8.34
CA ARG B 103 36.45 17.91 -7.05
C ARG B 103 35.91 16.49 -6.87
N PRO B 104 36.64 15.49 -7.42
CA PRO B 104 36.19 14.10 -7.27
C PRO B 104 36.24 13.73 -5.79
N TYR B 105 35.51 12.67 -5.48
CA TYR B 105 35.40 12.12 -4.10
C TYR B 105 36.74 11.63 -3.54
N SER B 106 37.02 12.00 -2.31
CA SER B 106 38.29 11.64 -1.77
C SER B 106 38.29 10.51 -0.77
N ILE B 107 37.13 9.90 -0.53
CA ILE B 107 37.06 8.81 0.49
C ILE B 107 37.04 7.49 -0.28
N PRO B 108 37.97 6.58 0.00
CA PRO B 108 37.99 5.33 -0.75
C PRO B 108 36.81 4.41 -0.60
N PRO B 109 36.43 3.75 -1.68
CA PRO B 109 35.29 2.79 -1.66
C PRO B 109 35.61 1.57 -0.68
N CYS B 110 34.54 0.96 -0.15
CA CYS B 110 34.63 -0.11 0.81
C CYS B 110 33.41 -1.07 0.78
N GLU B 111 33.48 -2.19 1.47
CA GLU B 111 32.42 -3.17 1.46
C GLU B 111 31.37 -2.87 2.49
N HIS B 112 30.14 -2.65 2.04
CA HIS B 112 29.06 -2.32 2.93
C HIS B 112 28.19 -3.55 3.25
N HIS B 113 28.58 -4.26 4.26
CA HIS B 113 27.79 -5.39 4.65
C HIS B 113 27.69 -6.50 3.58
N VAL B 114 28.72 -6.61 2.75
CA VAL B 114 28.78 -7.60 1.69
C VAL B 114 30.23 -8.07 1.62
N ASN B 115 30.41 -9.16 0.90
CA ASN B 115 31.71 -9.79 0.71
C ASN B 115 32.22 -9.15 -0.55
N GLY B 116 33.52 -8.80 -0.55
CA GLY B 116 34.14 -8.21 -1.69
C GLY B 116 35.61 -8.08 -1.40
N SER B 117 36.35 -7.51 -2.36
CA SER B 117 37.81 -7.35 -2.22
C SER B 117 38.25 -6.01 -1.72
N ARG B 118 37.34 -5.08 -1.59
CA ARG B 118 37.80 -3.81 -1.04
C ARG B 118 37.79 -3.96 0.46
N PRO B 119 38.38 -3.02 1.18
CA PRO B 119 38.37 -3.14 2.65
C PRO B 119 36.93 -2.98 3.18
N PRO B 120 36.61 -3.65 4.29
CA PRO B 120 35.26 -3.50 4.80
C PRO B 120 35.12 -2.03 5.23
N CYS B 121 33.93 -1.47 5.09
CA CYS B 121 33.80 -0.04 5.54
C CYS B 121 34.10 0.07 7.06
N THR B 122 34.86 1.08 7.52
CA THR B 122 35.12 1.25 8.92
C THR B 122 34.11 2.29 9.43
N GLY B 123 34.20 2.79 10.64
CA GLY B 123 33.16 3.73 11.05
C GLY B 123 33.07 4.97 10.16
N GLU B 124 32.45 6.02 10.69
CA GLU B 124 32.44 7.29 10.02
C GLU B 124 33.81 7.92 10.30
N GLY B 125 34.56 8.14 9.25
CA GLY B 125 35.87 8.74 9.32
C GLY B 125 35.84 10.25 9.51
N ASP B 126 36.96 10.92 9.22
CA ASP B 126 37.07 12.36 9.38
C ASP B 126 36.55 13.06 8.14
N THR B 127 35.96 14.25 8.33
CA THR B 127 35.43 15.02 7.21
C THR B 127 36.60 15.72 6.54
N PRO B 128 36.79 15.56 5.20
CA PRO B 128 37.94 16.25 4.60
C PRO B 128 37.65 17.76 4.55
N LYS B 129 38.72 18.51 4.36
CA LYS B 129 38.65 19.96 4.33
C LYS B 129 37.89 20.49 3.12
N CYS B 130 37.42 21.73 3.24
CA CYS B 130 36.77 22.41 2.13
C CYS B 130 37.85 23.16 1.33
N SER B 131 38.22 22.59 0.18
CA SER B 131 39.26 23.16 -0.70
C SER B 131 38.52 23.71 -1.93
N LYS B 132 38.64 25.01 -2.20
CA LYS B 132 37.91 25.63 -3.30
C LYS B 132 38.79 25.82 -4.51
N ILE B 133 39.20 24.70 -5.08
CA ILE B 133 40.07 24.66 -6.24
C ILE B 133 39.72 23.37 -6.92
N CYS B 134 39.89 23.32 -8.25
CA CYS B 134 39.58 22.11 -8.94
C CYS B 134 40.84 21.38 -9.18
N GLU B 135 40.70 20.11 -9.45
CA GLU B 135 41.87 19.31 -9.81
C GLU B 135 42.57 19.87 -11.08
N PRO B 136 43.91 19.73 -11.14
CA PRO B 136 44.62 20.25 -12.30
C PRO B 136 44.19 19.37 -13.44
N GLY B 137 43.97 19.92 -14.62
CA GLY B 137 43.54 19.03 -15.67
C GLY B 137 42.05 19.15 -15.87
N TYR B 138 41.39 19.90 -14.97
CA TYR B 138 39.95 20.19 -15.13
C TYR B 138 40.07 21.65 -15.58
N SER B 139 39.32 22.07 -16.60
CA SER B 139 39.51 23.40 -17.14
C SER B 139 38.83 24.54 -16.47
N PRO B 140 37.51 24.43 -16.19
CA PRO B 140 37.15 25.72 -15.56
C PRO B 140 37.57 25.86 -14.09
N THR B 141 37.58 27.10 -13.57
CA THR B 141 37.96 27.29 -12.19
C THR B 141 36.78 26.84 -11.32
N TYR B 142 37.11 26.68 -10.04
CA TYR B 142 36.19 26.22 -9.04
C TYR B 142 34.95 27.11 -9.09
N LYS B 143 35.21 28.41 -9.18
CA LYS B 143 34.14 29.40 -9.19
C LYS B 143 33.22 29.22 -10.36
N GLN B 144 33.82 29.14 -11.52
CA GLN B 144 33.07 28.97 -12.75
C GLN B 144 32.37 27.59 -12.84
N ASP B 145 32.76 26.63 -12.02
CA ASP B 145 32.16 25.28 -12.17
C ASP B 145 30.88 25.03 -11.35
N LYS B 146 30.53 26.02 -10.50
CA LYS B 146 29.38 25.94 -9.64
C LYS B 146 28.04 25.86 -10.38
N HIS B 147 27.23 24.89 -9.96
CA HIS B 147 25.86 24.74 -10.47
C HIS B 147 24.97 25.09 -9.29
N TYR B 148 24.04 26.04 -9.51
CA TYR B 148 23.14 26.46 -8.46
C TYR B 148 21.72 25.89 -8.63
N GLY B 149 21.04 25.77 -7.52
CA GLY B 149 19.67 25.34 -7.58
C GLY B 149 18.79 26.57 -7.70
N TYR B 150 17.75 26.51 -8.51
CA TYR B 150 16.80 27.63 -8.59
C TYR B 150 16.02 27.70 -7.26
N ASN B 151 15.70 26.52 -6.74
CA ASN B 151 14.91 26.43 -5.52
C ASN B 151 15.12 25.08 -4.86
N SER B 152 14.57 24.92 -3.66
CA SER B 152 14.63 23.63 -2.97
C SER B 152 13.31 23.50 -2.19
N TYR B 153 12.88 22.30 -1.89
CA TYR B 153 11.60 22.15 -1.21
C TYR B 153 11.39 20.76 -0.68
N SER B 154 10.57 20.68 0.36
CA SER B 154 10.16 19.39 0.92
C SER B 154 8.88 19.01 0.20
N VAL B 155 8.82 17.79 -0.28
CA VAL B 155 7.67 17.29 -0.99
C VAL B 155 6.69 16.66 0.04
N SER B 156 5.40 16.85 -0.09
CA SER B 156 4.49 16.29 0.89
C SER B 156 4.55 14.73 1.03
N ASN B 157 4.09 14.26 2.18
CA ASN B 157 4.01 12.86 2.53
C ASN B 157 2.78 12.35 1.81
N SER B 158 2.85 12.30 0.49
CA SER B 158 1.73 11.88 -0.33
C SER B 158 2.40 11.23 -1.52
N GLU B 159 1.97 10.01 -1.77
CA GLU B 159 2.47 9.15 -2.85
C GLU B 159 2.31 9.80 -4.23
N LYS B 160 1.15 10.40 -4.45
CA LYS B 160 0.89 11.05 -5.71
C LYS B 160 1.81 12.23 -5.89
N ASP B 161 2.08 12.94 -4.81
CA ASP B 161 2.88 14.13 -4.97
C ASP B 161 4.25 13.77 -5.40
N ILE B 162 4.81 12.81 -4.68
CA ILE B 162 6.16 12.33 -4.93
C ILE B 162 6.26 11.76 -6.34
N MET B 163 5.24 11.00 -6.74
CA MET B 163 5.20 10.35 -8.05
C MET B 163 5.17 11.44 -9.13
N ALA B 164 4.26 12.38 -8.95
CA ALA B 164 4.08 13.47 -9.89
C ALA B 164 5.39 14.24 -10.00
N GLU B 165 6.03 14.44 -8.86
CA GLU B 165 7.27 15.19 -8.79
C GLU B 165 8.42 14.48 -9.56
N ILE B 166 8.49 13.15 -9.45
CA ILE B 166 9.57 12.43 -10.11
C ILE B 166 9.27 12.44 -11.63
N TYR B 167 7.99 12.18 -11.96
CA TYR B 167 7.46 12.12 -13.30
C TYR B 167 7.70 13.40 -14.08
N LYS B 168 7.45 14.53 -13.42
CA LYS B 168 7.65 15.80 -14.07
C LYS B 168 9.07 16.37 -13.91
N ASN B 169 9.62 16.27 -12.70
CA ASN B 169 10.90 16.95 -12.44
C ASN B 169 12.18 16.18 -12.25
N GLY B 170 12.10 14.84 -12.27
CA GLY B 170 13.28 14.01 -12.11
C GLY B 170 13.37 13.35 -10.76
N PRO B 171 14.43 12.55 -10.53
CA PRO B 171 14.64 11.83 -9.26
C PRO B 171 14.75 12.76 -8.04
N VAL B 172 14.39 12.25 -6.88
CA VAL B 172 14.41 13.07 -5.65
C VAL B 172 15.29 12.41 -4.59
N GLU B 173 15.57 13.13 -3.51
CA GLU B 173 16.29 12.53 -2.38
C GLU B 173 15.13 12.23 -1.40
N GLY B 174 15.31 11.16 -0.65
CA GLY B 174 14.36 10.76 0.34
C GLY B 174 15.22 10.22 1.45
N ALA B 175 14.55 9.78 2.52
CA ALA B 175 15.20 9.18 3.66
C ALA B 175 14.18 8.25 4.34
N PHE B 176 14.72 7.28 5.07
CA PHE B 176 13.91 6.30 5.77
C PHE B 176 14.66 5.73 6.97
N SER B 177 13.87 5.11 7.83
CA SER B 177 14.34 4.45 9.03
C SER B 177 14.90 3.07 8.68
N VAL B 178 16.16 2.87 9.04
CA VAL B 178 16.80 1.60 8.83
C VAL B 178 16.55 0.62 10.00
N TYR B 179 16.13 -0.60 9.68
CA TYR B 179 15.95 -1.68 10.64
C TYR B 179 17.00 -2.64 10.16
N SER B 180 17.41 -3.55 11.04
CA SER B 180 18.46 -4.47 10.66
C SER B 180 18.24 -5.32 9.41
N ASP B 181 17.00 -5.72 9.09
CA ASP B 181 16.81 -6.52 7.88
C ASP B 181 17.17 -5.79 6.56
N PHE B 182 17.11 -4.46 6.54
CA PHE B 182 17.51 -3.72 5.38
C PHE B 182 18.94 -4.00 4.96
N LEU B 183 19.84 -4.21 5.94
CA LEU B 183 21.25 -4.42 5.65
C LEU B 183 21.47 -5.65 4.81
N LEU B 184 20.53 -6.58 5.01
CA LEU B 184 20.49 -7.88 4.39
C LEU B 184 19.86 -7.88 3.01
N TYR B 185 19.40 -6.73 2.54
CA TYR B 185 18.68 -6.75 1.25
C TYR B 185 19.48 -7.24 0.02
N LYS B 186 18.85 -8.10 -0.79
CA LYS B 186 19.41 -8.63 -2.03
C LYS B 186 18.59 -8.45 -3.33
N SER B 187 17.27 -8.66 -3.27
CA SER B 187 16.40 -8.48 -4.44
C SER B 187 14.94 -8.48 -3.99
N GLY B 188 14.04 -8.30 -4.93
CA GLY B 188 12.62 -8.23 -4.63
C GLY B 188 12.29 -6.89 -3.99
N VAL B 189 11.10 -6.80 -3.40
CA VAL B 189 10.68 -5.55 -2.75
C VAL B 189 10.97 -5.58 -1.24
N TYR B 190 11.87 -4.72 -0.79
CA TYR B 190 12.20 -4.65 0.61
C TYR B 190 10.98 -4.21 1.42
N GLN B 191 10.69 -5.04 2.43
CA GLN B 191 9.58 -4.85 3.39
C GLN B 191 10.10 -5.22 4.79
N HIS B 192 10.17 -4.24 5.69
CA HIS B 192 10.63 -4.48 7.05
C HIS B 192 9.76 -5.50 7.78
N VAL B 193 10.40 -6.57 8.24
CA VAL B 193 9.72 -7.63 8.95
C VAL B 193 10.24 -7.88 10.34
N THR B 194 11.56 -7.78 10.51
CA THR B 194 12.19 -8.06 11.79
C THR B 194 13.40 -7.13 11.94
N GLY B 195 13.93 -7.04 13.16
CA GLY B 195 15.08 -6.22 13.41
C GLY B 195 14.76 -4.95 14.17
N GLU B 196 15.79 -4.33 14.70
CA GLU B 196 15.64 -3.11 15.44
C GLU B 196 16.01 -1.84 14.64
N MET B 197 15.39 -0.73 15.03
CA MET B 197 15.64 0.57 14.39
C MET B 197 17.10 1.04 14.61
N MET B 198 17.82 1.33 13.51
CA MET B 198 19.22 1.81 13.56
C MET B 198 19.43 3.23 12.99
N GLY B 199 18.54 4.15 13.29
CA GLY B 199 18.72 5.48 12.74
C GLY B 199 18.13 5.64 11.34
N GLY B 200 18.49 6.73 10.68
CA GLY B 200 17.95 7.04 9.38
C GLY B 200 18.95 6.97 8.23
N HIS B 201 18.50 6.68 7.01
CA HIS B 201 19.41 6.62 5.85
C HIS B 201 18.82 7.37 4.68
N ALA B 202 19.64 8.15 4.01
CA ALA B 202 19.16 8.99 2.91
C ALA B 202 19.56 8.36 1.58
N ILE B 203 18.69 8.52 0.58
CA ILE B 203 18.88 7.89 -0.68
C ILE B 203 18.24 8.67 -1.81
N ARG B 204 18.35 8.14 -3.03
CA ARG B 204 17.74 8.74 -4.24
C ARG B 204 16.65 7.82 -4.78
N ILE B 205 15.46 8.37 -4.97
CA ILE B 205 14.30 7.62 -5.47
C ILE B 205 14.16 8.11 -6.94
N LEU B 206 14.22 7.16 -7.87
CA LEU B 206 14.22 7.47 -9.28
C LEU B 206 13.15 6.78 -10.10
N GLY B 207 12.10 6.31 -9.44
CA GLY B 207 11.04 5.68 -10.15
C GLY B 207 10.17 4.93 -9.22
N TRP B 208 9.24 4.17 -9.81
CA TRP B 208 8.35 3.32 -9.09
C TRP B 208 7.85 2.17 -9.98
N GLY B 209 7.41 1.08 -9.37
CA GLY B 209 6.86 0.01 -10.17
C GLY B 209 5.88 -0.84 -9.39
N VAL B 210 5.55 -2.01 -9.96
CA VAL B 210 4.69 -2.97 -9.32
C VAL B 210 5.29 -4.39 -9.55
N GLU B 211 5.54 -5.10 -8.44
CA GLU B 211 6.00 -6.49 -8.51
C GLU B 211 4.87 -7.44 -8.03
N ASN B 212 4.30 -8.21 -8.92
CA ASN B 212 3.22 -9.17 -8.62
C ASN B 212 2.19 -8.53 -7.66
N GLY B 213 1.66 -7.37 -8.06
CA GLY B 213 0.73 -6.58 -7.25
C GLY B 213 1.29 -5.64 -6.17
N THR B 214 2.56 -5.83 -5.82
CA THR B 214 3.18 -5.00 -4.81
C THR B 214 3.83 -3.77 -5.44
N PRO B 215 3.29 -2.59 -5.17
CA PRO B 215 3.85 -1.36 -5.71
C PRO B 215 5.06 -1.05 -4.88
N TYR B 216 6.05 -0.42 -5.52
CA TYR B 216 7.33 -0.18 -4.87
C TYR B 216 8.04 1.06 -5.43
N TRP B 217 9.08 1.51 -4.74
CA TRP B 217 9.89 2.63 -5.22
C TRP B 217 11.22 2.02 -5.61
N LEU B 218 11.75 2.57 -6.71
CA LEU B 218 13.01 2.19 -7.28
C LEU B 218 14.01 3.20 -6.65
N VAL B 219 14.86 2.69 -5.78
CA VAL B 219 15.75 3.57 -5.05
C VAL B 219 17.18 3.25 -5.36
N ALA B 220 18.06 4.24 -5.33
CA ALA B 220 19.51 4.01 -5.49
C ALA B 220 20.23 4.23 -4.11
N ASN B 221 20.92 3.21 -3.59
CA ASN B 221 21.67 3.39 -2.34
C ASN B 221 23.05 3.94 -2.81
N SER B 222 23.94 4.24 -1.85
CA SER B 222 25.26 4.81 -2.11
C SER B 222 26.30 3.94 -1.40
N TRP B 223 26.08 2.64 -1.48
CA TRP B 223 27.01 1.69 -0.89
C TRP B 223 27.71 0.82 -1.94
N ASN B 224 27.89 1.34 -3.16
CA ASN B 224 28.54 0.57 -4.22
C ASN B 224 27.57 -0.40 -4.88
N THR B 225 27.95 -0.89 -6.05
CA THR B 225 27.11 -1.76 -6.85
C THR B 225 27.01 -3.19 -6.38
N ASP B 226 27.94 -3.58 -5.53
CA ASP B 226 27.90 -4.94 -4.99
C ASP B 226 26.98 -5.15 -3.74
N TRP B 227 26.34 -4.09 -3.24
CA TRP B 227 25.36 -4.19 -2.14
C TRP B 227 23.96 -4.27 -2.75
N GLY B 228 23.03 -4.98 -2.12
CA GLY B 228 21.69 -5.06 -2.64
C GLY B 228 21.63 -5.52 -4.13
N ASP B 229 20.70 -4.97 -4.88
CA ASP B 229 20.49 -5.31 -6.31
C ASP B 229 21.29 -4.44 -7.26
N ASN B 230 22.55 -4.74 -7.40
CA ASN B 230 23.40 -3.93 -8.28
C ASN B 230 23.37 -2.48 -7.81
N GLY B 231 23.48 -2.30 -6.48
CA GLY B 231 23.42 -0.94 -5.89
C GLY B 231 22.05 -0.29 -5.61
N PHE B 232 21.00 -0.81 -6.25
CA PHE B 232 19.66 -0.33 -6.05
C PHE B 232 18.88 -1.25 -5.11
N PHE B 233 17.70 -0.76 -4.71
CA PHE B 233 16.74 -1.61 -4.01
C PHE B 233 15.29 -1.19 -4.29
N LYS B 234 14.33 -2.08 -4.12
CA LYS B 234 12.94 -1.62 -4.27
C LYS B 234 12.44 -1.67 -2.84
N ILE B 235 11.48 -0.78 -2.51
CA ILE B 235 10.84 -0.72 -1.17
C ILE B 235 9.32 -0.42 -1.33
N LEU B 236 8.48 -1.04 -0.51
CA LEU B 236 7.04 -0.82 -0.55
C LEU B 236 6.73 0.70 -0.74
N ARG B 237 5.81 0.99 -1.66
CA ARG B 237 5.45 2.39 -1.97
C ARG B 237 3.95 2.58 -1.72
N GLY B 238 3.58 3.65 -0.98
CA GLY B 238 2.17 3.95 -0.73
C GLY B 238 1.68 3.77 0.71
N GLN B 239 2.58 3.25 1.51
CA GLN B 239 2.32 2.99 2.92
C GLN B 239 3.18 3.85 3.88
N ASP B 240 3.97 4.76 3.33
CA ASP B 240 4.97 5.50 4.10
C ASP B 240 5.74 4.48 4.96
N HIS B 241 6.11 3.36 4.34
CA HIS B 241 6.79 2.26 5.02
C HIS B 241 8.18 2.68 5.40
N CYS B 242 8.44 2.62 6.73
CA CYS B 242 9.75 3.05 7.26
C CYS B 242 9.98 4.52 6.98
N GLY B 243 8.90 5.29 6.84
CA GLY B 243 9.02 6.71 6.53
C GLY B 243 9.58 7.08 5.13
N ILE B 244 9.71 6.11 4.23
CA ILE B 244 10.18 6.36 2.87
C ILE B 244 9.47 7.55 2.16
N GLU B 245 8.26 7.92 2.60
CA GLU B 245 7.53 9.02 1.97
C GLU B 245 7.42 10.34 2.80
N SER B 246 8.09 10.35 3.95
CA SER B 246 8.08 11.47 4.87
C SER B 246 9.20 12.53 4.69
N GLU B 247 10.30 12.15 4.10
CA GLU B 247 11.43 13.08 3.95
C GLU B 247 11.85 13.33 2.52
N VAL B 248 10.89 13.41 1.62
CA VAL B 248 11.28 13.62 0.23
C VAL B 248 11.73 15.10 -0.04
N VAL B 249 12.96 15.32 -0.47
CA VAL B 249 13.39 16.67 -0.81
C VAL B 249 13.89 16.81 -2.28
N ALA B 250 13.67 17.98 -2.90
CA ALA B 250 14.20 18.16 -4.25
C ALA B 250 14.33 19.62 -4.62
N GLY B 251 14.39 19.91 -5.91
CA GLY B 251 14.63 21.27 -6.33
C GLY B 251 14.86 21.27 -7.84
N ILE B 252 14.73 22.47 -8.40
CA ILE B 252 14.86 22.69 -9.81
C ILE B 252 16.18 23.50 -10.02
N PRO B 253 17.03 23.00 -10.90
CA PRO B 253 18.31 23.60 -11.30
C PRO B 253 18.12 25.04 -11.81
N ARG B 254 19.11 25.91 -11.53
CA ARG B 254 19.13 27.26 -11.91
C ARG B 254 19.81 27.33 -13.25
N THR B 255 19.03 27.74 -14.23
CA THR B 255 19.54 27.92 -15.57
C THR B 255 20.25 29.26 -15.68
N ASP B 256 21.46 29.21 -16.24
CA ASP B 256 22.29 30.36 -16.63
C ASP B 256 23.69 29.92 -17.03
#